data_7AA0
#
_entry.id   7AA0
#
_cell.length_a   39.550
_cell.length_b   49.920
_cell.length_c   67.380
_cell.angle_alpha   90.000
_cell.angle_beta   96.030
_cell.angle_gamma   90.000
#
_symmetry.space_group_name_H-M   'P 1 21 1'
#
loop_
_entity.id
_entity.type
_entity.pdbx_description
1 polymer 'Cellular retinoic acid-binding protein 2'
2 non-polymer '(~{E})-3-[4-(4,4-dimethyl-1-propan-2-yl-2,3-dihydroquinolin-6-yl)phenyl]prop-2-enoic acid'
3 water water
#
_entity_poly.entity_id   1
_entity_poly.type   'polypeptide(L)'
_entity_poly.pdbx_seq_one_letter_code
;MPNFSGNWKIIRSENFEELLKVLGVNVMLRKIAVAAASKPAVEIKQEGDTFYIKTSTTVRTTEINFKVGEEFEEQTVDGR
PCKSLVKWESENKMVCEQKLLKGEGPKTSWTRELTNDGELILTMTADDVVCTRVYVRE
;
_entity_poly.pdbx_strand_id   BBB,AAA
#
loop_
_chem_comp.id
_chem_comp.type
_chem_comp.name
_chem_comp.formula
R6B non-polymer '(~{E})-3-[4-(4,4-dimethyl-1-propan-2-yl-2,3-dihydroquinolin-6-yl)phenyl]prop-2-enoic acid' 'C23 H27 N O2'
#
# COMPACT_ATOMS: atom_id res chain seq x y z
N PRO A 2 -19.86 -13.21 7.91
CA PRO A 2 -19.07 -13.15 6.66
C PRO A 2 -18.54 -11.73 6.38
N ASN A 3 -17.27 -11.60 5.99
CA ASN A 3 -16.56 -10.30 5.96
C ASN A 3 -16.69 -9.74 4.54
N PHE A 4 -15.85 -8.79 4.14
CA PHE A 4 -15.94 -8.15 2.80
C PHE A 4 -15.49 -9.09 1.68
N SER A 5 -14.88 -10.24 1.97
CA SER A 5 -14.30 -11.13 0.93
C SER A 5 -15.39 -11.56 -0.02
N GLY A 6 -15.13 -11.58 -1.33
CA GLY A 6 -16.10 -12.11 -2.31
C GLY A 6 -15.84 -11.69 -3.74
N ASN A 7 -16.48 -12.40 -4.67
CA ASN A 7 -16.69 -11.87 -6.04
C ASN A 7 -18.05 -11.19 -6.06
N TRP A 8 -18.03 -9.89 -6.31
CA TRP A 8 -19.20 -9.02 -6.13
C TRP A 8 -19.74 -8.62 -7.50
N LYS A 9 -21.05 -8.68 -7.64
CA LYS A 9 -21.78 -8.41 -8.89
C LYS A 9 -22.72 -7.23 -8.67
N ILE A 10 -22.59 -6.19 -9.47
CA ILE A 10 -23.43 -4.97 -9.27
C ILE A 10 -24.89 -5.32 -9.56
N ILE A 11 -25.82 -4.79 -8.75
CA ILE A 11 -27.28 -4.93 -8.99
C ILE A 11 -27.94 -3.56 -9.00
N ARG A 12 -27.36 -2.52 -8.42
CA ARG A 12 -27.95 -1.15 -8.53
C ARG A 12 -26.84 -0.11 -8.68
N SER A 13 -27.11 0.94 -9.44
CA SER A 13 -26.22 2.12 -9.53
C SER A 13 -27.05 3.40 -9.63
N GLU A 14 -26.66 4.45 -8.91
CA GLU A 14 -27.23 5.82 -9.07
C GLU A 14 -26.12 6.83 -9.27
N ASN A 15 -26.26 7.76 -10.22
CA ASN A 15 -25.49 9.02 -10.26
C ASN A 15 -24.02 8.77 -10.62
N PHE A 16 -23.67 7.64 -11.21
CA PHE A 16 -22.27 7.40 -11.71
C PHE A 16 -21.89 8.48 -12.74
N GLU A 17 -22.70 8.67 -13.80
CA GLU A 17 -22.37 9.71 -14.82
C GLU A 17 -22.32 11.10 -14.17
N GLU A 18 -23.23 11.44 -13.26
CA GLU A 18 -23.26 12.76 -12.56
C GLU A 18 -21.95 12.96 -11.79
N LEU A 19 -21.45 11.91 -11.16
CA LEU A 19 -20.16 11.93 -10.44
C LEU A 19 -19.01 12.31 -11.40
N LEU A 20 -18.97 11.69 -12.59
CA LEU A 20 -17.87 11.90 -13.55
C LEU A 20 -18.01 13.33 -14.09
N LYS A 21 -19.25 13.75 -14.26
CA LYS A 21 -19.56 15.11 -14.76
C LYS A 21 -18.96 16.13 -13.80
N VAL A 22 -19.24 16.04 -12.50
CA VAL A 22 -18.77 17.05 -11.51
C VAL A 22 -17.24 16.98 -11.40
N LEU A 23 -16.62 15.86 -11.74
CA LEU A 23 -15.14 15.73 -11.71
C LEU A 23 -14.52 16.23 -13.02
N GLY A 24 -15.31 16.75 -13.97
CA GLY A 24 -14.77 17.43 -15.18
C GLY A 24 -14.47 16.47 -16.32
N VAL A 25 -14.94 15.22 -16.27
CA VAL A 25 -14.77 14.23 -17.38
C VAL A 25 -15.70 14.60 -18.53
N ASN A 26 -15.17 14.71 -19.75
CA ASN A 26 -15.95 15.15 -20.92
C ASN A 26 -16.81 13.99 -21.44
N VAL A 27 -17.80 14.31 -22.26
CA VAL A 27 -18.96 13.43 -22.61
C VAL A 27 -18.48 12.09 -23.17
N MET A 28 -17.59 12.08 -24.15
CA MET A 28 -17.20 10.81 -24.84
C MET A 28 -16.53 9.86 -23.85
N LEU A 29 -15.61 10.37 -23.02
CA LEU A 29 -14.95 9.59 -21.94
C LEU A 29 -16.00 9.12 -20.93
N ARG A 30 -16.97 9.97 -20.57
CA ARG A 30 -18.04 9.57 -19.61
C ARG A 30 -18.80 8.38 -20.20
N LYS A 31 -19.08 8.42 -21.52
CA LYS A 31 -19.86 7.35 -22.20
C LYS A 31 -19.07 6.04 -22.16
N ILE A 32 -17.75 6.09 -22.38
CA ILE A 32 -16.89 4.87 -22.30
C ILE A 32 -16.94 4.33 -20.86
N ALA A 33 -16.72 5.19 -19.87
CA ALA A 33 -16.65 4.84 -18.43
C ALA A 33 -18.00 4.23 -17.99
N VAL A 34 -19.10 4.86 -18.39
CA VAL A 34 -20.47 4.39 -18.02
C VAL A 34 -20.69 2.98 -18.58
N ALA A 35 -20.31 2.74 -19.84
CA ALA A 35 -20.42 1.42 -20.51
C ALA A 35 -19.59 0.38 -19.71
N ALA A 36 -18.34 0.71 -19.37
CA ALA A 36 -17.43 -0.16 -18.59
C ALA A 36 -18.00 -0.43 -17.19
N ALA A 37 -18.62 0.57 -16.55
CA ALA A 37 -19.13 0.47 -15.15
C ALA A 37 -20.40 -0.36 -15.11
N SER A 38 -21.04 -0.68 -16.25
CA SER A 38 -22.33 -1.43 -16.26
C SER A 38 -22.11 -2.89 -15.83
N LYS A 39 -20.90 -3.41 -16.01
CA LYS A 39 -20.57 -4.86 -15.96
C LYS A 39 -19.21 -5.09 -15.30
N PRO A 40 -18.87 -4.45 -14.17
CA PRO A 40 -17.55 -4.62 -13.57
C PRO A 40 -17.43 -6.01 -12.92
N ALA A 41 -16.21 -6.52 -12.87
CA ALA A 41 -15.86 -7.66 -12.00
C ALA A 41 -15.19 -7.09 -10.76
N VAL A 42 -15.72 -7.39 -9.58
CA VAL A 42 -15.19 -6.83 -8.31
C VAL A 42 -14.74 -8.02 -7.44
N GLU A 43 -13.45 -8.04 -7.11
CA GLU A 43 -12.83 -9.07 -6.25
C GLU A 43 -12.33 -8.39 -4.97
N ILE A 44 -12.79 -8.85 -3.80
CA ILE A 44 -12.27 -8.37 -2.48
C ILE A 44 -11.78 -9.59 -1.72
N LYS A 45 -10.55 -9.52 -1.27
CA LYS A 45 -9.96 -10.47 -0.30
C LYS A 45 -9.64 -9.67 0.95
N GLN A 46 -10.27 -10.02 2.07
CA GLN A 46 -10.05 -9.35 3.39
C GLN A 46 -9.44 -10.35 4.37
N GLU A 47 -8.35 -9.95 5.03
CA GLU A 47 -7.78 -10.62 6.23
C GLU A 47 -7.58 -9.57 7.34
N GLY A 48 -8.47 -9.57 8.32
CA GLY A 48 -8.56 -8.54 9.38
C GLY A 48 -8.67 -7.15 8.77
N ASP A 49 -7.61 -6.36 8.88
CA ASP A 49 -7.50 -4.99 8.36
C ASP A 49 -6.80 -4.95 7.01
N THR A 50 -6.30 -6.10 6.50
CA THR A 50 -5.60 -6.22 5.19
C THR A 50 -6.64 -6.39 4.08
N PHE A 51 -6.61 -5.53 3.07
CA PHE A 51 -7.61 -5.57 1.97
C PHE A 51 -6.88 -5.61 0.64
N TYR A 52 -7.38 -6.45 -0.24
CA TYR A 52 -7.13 -6.40 -1.69
C TYR A 52 -8.48 -6.16 -2.35
N ILE A 53 -8.58 -5.09 -3.13
CA ILE A 53 -9.80 -4.76 -3.91
C ILE A 53 -9.41 -4.59 -5.38
N LYS A 54 -9.99 -5.43 -6.25
CA LYS A 54 -9.73 -5.37 -7.72
C LYS A 54 -11.07 -5.06 -8.39
N THR A 55 -11.12 -3.95 -9.11
CA THR A 55 -12.27 -3.60 -9.96
C THR A 55 -11.84 -3.61 -11.40
N SER A 56 -12.38 -4.52 -12.17
CA SER A 56 -11.84 -4.66 -13.53
C SER A 56 -12.96 -4.58 -14.54
N THR A 57 -12.67 -3.82 -15.59
CA THR A 57 -13.44 -3.68 -16.85
C THR A 57 -12.43 -3.81 -17.98
N THR A 58 -12.88 -3.99 -19.23
CA THR A 58 -12.01 -4.13 -20.43
C THR A 58 -11.10 -2.90 -20.54
N VAL A 59 -11.66 -1.70 -20.37
CA VAL A 59 -10.88 -0.47 -20.64
C VAL A 59 -10.10 -0.02 -19.41
N ARG A 60 -10.48 -0.36 -18.18
CA ARG A 60 -9.76 0.15 -17.00
C ARG A 60 -9.92 -0.78 -15.81
N THR A 61 -8.80 -1.25 -15.27
CA THR A 61 -8.75 -2.07 -14.05
C THR A 61 -8.03 -1.27 -12.98
N THR A 62 -8.55 -1.29 -11.76
CA THR A 62 -7.88 -0.73 -10.56
C THR A 62 -7.69 -1.86 -9.55
N GLU A 63 -6.52 -1.91 -8.92
CA GLU A 63 -6.15 -2.92 -7.89
C GLU A 63 -5.53 -2.13 -6.77
N ILE A 64 -6.07 -2.20 -5.56
CA ILE A 64 -5.44 -1.53 -4.40
C ILE A 64 -5.19 -2.59 -3.33
N ASN A 65 -4.05 -2.48 -2.69
CA ASN A 65 -3.69 -3.25 -1.47
C ASN A 65 -3.50 -2.20 -0.38
N PHE A 66 -4.20 -2.35 0.73
CA PHE A 66 -4.11 -1.40 1.86
C PHE A 66 -4.41 -2.14 3.15
N LYS A 67 -3.98 -1.52 4.24
CA LYS A 67 -4.36 -1.85 5.63
C LYS A 67 -5.22 -0.69 6.12
N VAL A 68 -6.36 -0.98 6.72
CA VAL A 68 -7.20 0.08 7.33
C VAL A 68 -6.32 0.81 8.34
N GLY A 69 -6.25 2.14 8.23
CA GLY A 69 -5.56 3.04 9.18
C GLY A 69 -4.19 3.46 8.71
N GLU A 70 -3.73 2.96 7.56
CA GLU A 70 -2.37 3.23 7.01
C GLU A 70 -2.50 3.86 5.61
N GLU A 71 -1.86 4.99 5.41
CA GLU A 71 -2.11 5.83 4.22
C GLU A 71 -1.45 5.14 3.01
N PHE A 72 -2.02 5.35 1.82
CA PHE A 72 -1.57 4.75 0.53
C PHE A 72 -1.93 5.68 -0.63
N GLU A 73 -1.36 5.40 -1.79
CA GLU A 73 -1.63 6.15 -3.05
C GLU A 73 -2.56 5.29 -3.90
N GLU A 74 -3.60 5.88 -4.45
CA GLU A 74 -4.45 5.24 -5.47
C GLU A 74 -4.79 6.32 -6.49
N GLN A 75 -5.83 6.09 -7.28
CA GLN A 75 -6.44 7.12 -8.14
C GLN A 75 -7.85 7.38 -7.61
N THR A 76 -8.32 8.61 -7.78
CA THR A 76 -9.74 8.97 -7.76
C THR A 76 -10.45 8.14 -8.84
N VAL A 77 -11.76 8.18 -8.81
CA VAL A 77 -12.66 7.45 -9.75
C VAL A 77 -12.45 7.97 -11.17
N ASP A 78 -11.98 9.21 -11.32
CA ASP A 78 -11.72 9.88 -12.62
C ASP A 78 -10.23 9.78 -12.98
N GLY A 79 -9.46 8.94 -12.28
CA GLY A 79 -8.08 8.57 -12.63
C GLY A 79 -7.03 9.57 -12.16
N ARG A 80 -7.32 10.37 -11.13
CA ARG A 80 -6.36 11.37 -10.60
C ARG A 80 -5.60 10.74 -9.44
N PRO A 81 -4.25 10.73 -9.48
CA PRO A 81 -3.46 10.22 -8.36
C PRO A 81 -3.84 10.95 -7.07
N CYS A 82 -4.08 10.21 -5.98
CA CYS A 82 -4.52 10.77 -4.67
C CYS A 82 -3.86 10.00 -3.53
N LYS A 83 -3.69 10.66 -2.39
CA LYS A 83 -3.36 10.00 -1.11
C LYS A 83 -4.67 9.55 -0.46
N SER A 84 -4.75 8.30 -0.04
CA SER A 84 -5.94 7.71 0.64
C SER A 84 -5.61 7.26 2.06
N LEU A 85 -6.60 7.34 2.95
CA LEU A 85 -6.57 6.74 4.29
C LEU A 85 -7.95 6.17 4.60
N VAL A 86 -8.03 4.87 4.86
CA VAL A 86 -9.30 4.16 5.19
C VAL A 86 -9.36 4.06 6.71
N LYS A 87 -10.50 4.38 7.31
CA LYS A 87 -10.82 4.12 8.75
C LYS A 87 -12.05 3.22 8.86
N TRP A 88 -12.13 2.44 9.95
CA TRP A 88 -13.38 1.74 10.34
C TRP A 88 -14.37 2.76 10.90
N GLU A 89 -15.66 2.68 10.55
CA GLU A 89 -16.76 3.31 11.33
C GLU A 89 -17.51 2.24 12.12
N SER A 90 -17.52 1.00 11.62
CA SER A 90 -17.81 -0.24 12.39
C SER A 90 -17.01 -1.38 11.80
N GLU A 91 -17.13 -2.61 12.33
CA GLU A 91 -16.60 -3.85 11.69
C GLU A 91 -17.16 -3.98 10.26
N ASN A 92 -18.28 -3.32 9.93
CA ASN A 92 -18.99 -3.52 8.63
C ASN A 92 -18.96 -2.27 7.74
N LYS A 93 -18.17 -1.25 8.07
CA LYS A 93 -18.17 0.01 7.27
C LYS A 93 -16.82 0.68 7.32
N MET A 94 -16.26 0.92 6.14
CA MET A 94 -14.94 1.59 6.01
C MET A 94 -15.16 2.87 5.21
N VAL A 95 -14.48 3.92 5.61
CA VAL A 95 -14.60 5.25 4.98
C VAL A 95 -13.21 5.70 4.55
N CYS A 96 -13.07 6.10 3.30
CA CYS A 96 -11.79 6.56 2.72
C CYS A 96 -11.88 8.03 2.33
N GLU A 97 -11.03 8.87 2.94
CA GLU A 97 -10.80 10.29 2.57
C GLU A 97 -9.60 10.38 1.61
N GLN A 98 -9.74 11.19 0.56
CA GLN A 98 -8.75 11.28 -0.55
C GLN A 98 -8.30 12.73 -0.71
N LYS A 99 -7.00 12.91 -0.98
CA LYS A 99 -6.37 14.23 -1.22
C LYS A 99 -5.58 14.11 -2.53
N LEU A 100 -5.82 15.01 -3.47
CA LEU A 100 -5.11 15.01 -4.78
C LEU A 100 -3.61 15.22 -4.55
N LEU A 101 -2.78 14.51 -5.33
CA LEU A 101 -1.31 14.70 -5.36
C LEU A 101 -1.02 16.01 -6.13
N LYS A 102 -1.76 16.22 -7.21
CA LYS A 102 -1.50 17.36 -8.12
C LYS A 102 -2.82 17.97 -8.58
N GLY A 103 -2.75 19.18 -9.12
CA GLY A 103 -3.91 19.91 -9.65
C GLY A 103 -4.90 20.26 -8.55
N GLU A 104 -6.10 20.63 -8.98
CA GLU A 104 -7.19 21.19 -8.16
C GLU A 104 -8.43 20.31 -8.46
N GLY A 105 -9.39 20.18 -7.54
CA GLY A 105 -10.61 19.46 -7.93
C GLY A 105 -11.56 19.27 -6.76
N PRO A 106 -12.76 18.72 -7.03
CA PRO A 106 -13.76 18.49 -5.99
C PRO A 106 -13.19 17.56 -4.92
N LYS A 107 -13.66 17.70 -3.69
CA LYS A 107 -13.29 16.78 -2.59
C LYS A 107 -13.95 15.45 -2.89
N THR A 108 -13.16 14.37 -2.83
CA THR A 108 -13.61 13.00 -3.15
C THR A 108 -13.45 12.11 -1.92
N SER A 109 -14.31 11.11 -1.83
CA SER A 109 -14.35 10.09 -0.75
C SER A 109 -15.06 8.86 -1.27
N TRP A 110 -14.79 7.71 -0.66
CA TRP A 110 -15.59 6.49 -0.88
C TRP A 110 -15.83 5.79 0.44
N THR A 111 -16.89 5.00 0.45
CA THR A 111 -17.32 4.20 1.60
C THR A 111 -17.66 2.84 1.04
N ARG A 112 -17.28 1.77 1.74
CA ARG A 112 -17.80 0.43 1.45
C ARG A 112 -18.41 -0.10 2.74
N GLU A 113 -19.65 -0.57 2.64
CA GLU A 113 -20.43 -1.04 3.81
C GLU A 113 -21.02 -2.40 3.45
N LEU A 114 -21.00 -3.33 4.39
CA LEU A 114 -21.75 -4.62 4.31
C LEU A 114 -23.07 -4.45 5.05
N THR A 115 -24.16 -4.85 4.42
CA THR A 115 -25.50 -4.89 5.03
C THR A 115 -25.68 -6.26 5.68
N ASN A 116 -26.62 -6.35 6.62
CA ASN A 116 -27.00 -7.63 7.27
C ASN A 116 -27.58 -8.57 6.20
N ASP A 117 -28.00 -8.03 5.07
CA ASP A 117 -28.67 -8.83 4.01
C ASP A 117 -27.65 -9.22 2.94
N GLY A 118 -26.37 -9.04 3.22
CA GLY A 118 -25.26 -9.58 2.43
C GLY A 118 -24.98 -8.74 1.20
N GLU A 119 -25.42 -7.49 1.18
CA GLU A 119 -25.09 -6.57 0.09
C GLU A 119 -23.81 -5.81 0.46
N LEU A 120 -23.10 -5.37 -0.56
CA LEU A 120 -22.00 -4.41 -0.44
C LEU A 120 -22.50 -3.11 -1.05
N ILE A 121 -22.38 -2.03 -0.30
CA ILE A 121 -22.76 -0.70 -0.81
C ILE A 121 -21.49 0.12 -0.92
N LEU A 122 -21.21 0.58 -2.12
CA LEU A 122 -20.11 1.51 -2.39
C LEU A 122 -20.77 2.87 -2.57
N THR A 123 -20.38 3.85 -1.75
CA THR A 123 -20.76 5.27 -1.93
C THR A 123 -19.50 6.01 -2.40
N MET A 124 -19.60 6.73 -3.49
CA MET A 124 -18.52 7.63 -3.94
C MET A 124 -19.10 9.05 -3.96
N THR A 125 -18.38 10.01 -3.39
CA THR A 125 -18.80 11.42 -3.35
C THR A 125 -17.74 12.25 -4.07
N ALA A 126 -18.19 13.35 -4.68
CA ALA A 126 -17.36 14.41 -5.29
C ALA A 126 -18.13 15.71 -5.04
N ASP A 127 -17.59 16.57 -4.17
CA ASP A 127 -18.31 17.69 -3.53
C ASP A 127 -19.70 17.17 -3.10
N ASP A 128 -20.77 17.75 -3.67
CA ASP A 128 -22.20 17.51 -3.36
C ASP A 128 -22.69 16.15 -3.82
N VAL A 129 -22.10 15.63 -4.88
CA VAL A 129 -22.69 14.53 -5.69
C VAL A 129 -22.42 13.22 -4.94
N VAL A 130 -23.45 12.38 -4.85
CA VAL A 130 -23.37 11.06 -4.18
C VAL A 130 -23.77 9.98 -5.20
N CYS A 131 -22.84 9.07 -5.46
CA CYS A 131 -23.02 7.88 -6.30
C CYS A 131 -23.08 6.67 -5.39
N THR A 132 -24.10 5.84 -5.57
CA THR A 132 -24.32 4.62 -4.77
C THR A 132 -24.36 3.44 -5.72
N ARG A 133 -23.62 2.38 -5.38
CA ARG A 133 -23.55 1.14 -6.16
C ARG A 133 -23.72 0.00 -5.16
N VAL A 134 -24.67 -0.88 -5.44
CA VAL A 134 -25.00 -2.05 -4.60
C VAL A 134 -24.56 -3.31 -5.34
N TYR A 135 -23.89 -4.22 -4.63
CA TYR A 135 -23.35 -5.48 -5.16
C TYR A 135 -23.86 -6.63 -4.28
N VAL A 136 -24.00 -7.82 -4.85
CA VAL A 136 -24.24 -9.09 -4.12
C VAL A 136 -23.14 -10.09 -4.52
N ARG A 137 -22.93 -11.13 -3.71
CA ARG A 137 -21.84 -12.12 -4.00
C ARG A 137 -22.30 -13.04 -5.13
N GLU A 138 -21.37 -13.58 -5.94
CA GLU A 138 -21.74 -14.70 -6.85
C GLU A 138 -20.63 -15.75 -6.92
N MET B 1 16.55 -17.38 -13.00
CA MET B 1 16.56 -16.24 -12.00
C MET B 1 15.15 -16.02 -11.47
N PRO B 2 14.79 -16.53 -10.26
CA PRO B 2 13.50 -16.24 -9.62
C PRO B 2 13.48 -14.79 -9.11
N ASN B 3 12.31 -14.28 -8.75
CA ASN B 3 12.15 -12.86 -8.37
C ASN B 3 12.41 -12.74 -6.84
N PHE B 4 11.99 -11.65 -6.25
CA PHE B 4 12.23 -11.39 -4.81
C PHE B 4 11.39 -12.31 -3.93
N SER B 5 10.34 -12.96 -4.46
CA SER B 5 9.40 -13.78 -3.66
C SER B 5 10.17 -14.83 -2.87
N GLY B 6 9.86 -14.98 -1.59
CA GLY B 6 10.32 -16.14 -0.82
C GLY B 6 10.35 -15.87 0.68
N ASN B 7 10.83 -16.88 1.41
CA ASN B 7 11.08 -16.82 2.86
C ASN B 7 12.59 -16.73 3.03
N TRP B 8 13.04 -15.66 3.65
CA TRP B 8 14.46 -15.25 3.66
C TRP B 8 14.95 -15.27 5.10
N LYS B 9 16.18 -15.74 5.30
CA LYS B 9 16.87 -15.75 6.60
C LYS B 9 18.21 -15.02 6.49
N ILE B 10 18.55 -14.26 7.50
CA ILE B 10 19.78 -13.42 7.48
C ILE B 10 21.03 -14.31 7.65
N ILE B 11 22.08 -14.00 6.90
CA ILE B 11 23.39 -14.70 7.02
C ILE B 11 24.51 -13.69 7.33
N ARG B 12 24.33 -12.39 7.08
CA ARG B 12 25.37 -11.35 7.35
C ARG B 12 24.68 -10.04 7.71
N SER B 13 25.25 -9.30 8.65
CA SER B 13 24.76 -7.96 9.06
C SER B 13 25.94 -7.09 9.47
N GLU B 14 25.96 -5.82 9.05
CA GLU B 14 26.97 -4.80 9.44
C GLU B 14 26.25 -3.50 9.80
N ASN B 15 26.69 -2.85 10.87
CA ASN B 15 26.35 -1.47 11.25
C ASN B 15 24.86 -1.30 11.57
N PHE B 16 24.13 -2.36 11.94
CA PHE B 16 22.73 -2.18 12.39
C PHE B 16 22.69 -1.28 13.65
N GLU B 17 23.46 -1.58 14.71
CA GLU B 17 23.43 -0.72 15.93
C GLU B 17 23.90 0.71 15.60
N GLU B 18 24.95 0.88 14.77
CA GLU B 18 25.43 2.24 14.40
C GLU B 18 24.29 3.00 13.72
N LEU B 19 23.53 2.33 12.84
CA LEU B 19 22.36 2.93 12.16
C LEU B 19 21.36 3.46 13.21
N LEU B 20 20.98 2.63 14.18
CA LEU B 20 19.99 3.02 15.22
C LEU B 20 20.55 4.20 16.03
N LYS B 21 21.87 4.19 16.24
CA LYS B 21 22.55 5.20 17.07
C LYS B 21 22.40 6.55 16.38
N VAL B 22 22.73 6.66 15.08
CA VAL B 22 22.68 7.97 14.35
C VAL B 22 21.23 8.44 14.31
N LEU B 23 20.26 7.53 14.33
CA LEU B 23 18.83 7.89 14.30
C LEU B 23 18.33 8.29 15.68
N GLY B 24 19.18 8.30 16.71
CA GLY B 24 18.86 8.85 18.04
C GLY B 24 18.16 7.85 18.96
N VAL B 25 18.21 6.55 18.67
CA VAL B 25 17.63 5.49 19.56
C VAL B 25 18.52 5.33 20.79
N ASN B 26 17.92 5.43 21.97
CA ASN B 26 18.63 5.32 23.28
C ASN B 26 19.12 3.88 23.47
N VAL B 27 20.14 3.73 24.32
CA VAL B 27 20.98 2.52 24.47
C VAL B 27 20.09 1.28 24.65
N MET B 28 19.15 1.34 25.58
CA MET B 28 18.46 0.10 26.00
C MET B 28 17.56 -0.33 24.86
N LEU B 29 16.90 0.61 24.17
CA LEU B 29 16.01 0.30 23.03
C LEU B 29 16.85 -0.30 21.91
N ARG B 30 18.08 0.22 21.73
CA ARG B 30 19.03 -0.26 20.69
C ARG B 30 19.37 -1.72 20.98
N LYS B 31 19.65 -2.04 22.24
CA LYS B 31 20.02 -3.42 22.64
C LYS B 31 18.84 -4.36 22.39
N ILE B 32 17.62 -3.92 22.70
CA ILE B 32 16.41 -4.75 22.40
C ILE B 32 16.30 -4.99 20.88
N ALA B 33 16.41 -3.94 20.06
CA ALA B 33 16.27 -4.02 18.59
C ALA B 33 17.38 -4.92 18.02
N VAL B 34 18.61 -4.77 18.50
CA VAL B 34 19.76 -5.53 17.94
C VAL B 34 19.52 -7.01 18.21
N ALA B 35 19.09 -7.36 19.42
CA ALA B 35 18.77 -8.76 19.80
C ALA B 35 17.67 -9.27 18.86
N ALA B 36 16.60 -8.50 18.65
CA ALA B 36 15.46 -8.91 17.79
C ALA B 36 15.93 -9.09 16.33
N ALA B 37 16.78 -8.18 15.85
CA ALA B 37 17.25 -8.12 14.44
C ALA B 37 18.18 -9.29 14.13
N SER B 38 18.64 -10.02 15.14
CA SER B 38 19.64 -11.10 14.98
C SER B 38 19.02 -12.30 14.25
N LYS B 39 17.71 -12.53 14.39
CA LYS B 39 16.99 -13.72 13.87
C LYS B 39 15.66 -13.34 13.23
N PRO B 40 15.58 -12.40 12.27
CA PRO B 40 14.29 -12.00 11.75
C PRO B 40 13.76 -13.09 10.79
N ALA B 41 12.45 -13.12 10.57
CA ALA B 41 11.80 -13.87 9.46
C ALA B 41 11.31 -12.85 8.42
N VAL B 42 11.76 -12.98 7.17
CA VAL B 42 11.38 -12.04 6.08
C VAL B 42 10.58 -12.83 5.04
N GLU B 43 9.36 -12.38 4.76
CA GLU B 43 8.43 -12.95 3.75
C GLU B 43 8.25 -11.87 2.69
N ILE B 44 8.57 -12.19 1.43
CA ILE B 44 8.32 -11.28 0.28
C ILE B 44 7.44 -12.02 -0.70
N LYS B 45 6.39 -11.36 -1.14
CA LYS B 45 5.48 -11.80 -2.22
C LYS B 45 5.54 -10.71 -3.28
N GLN B 46 6.11 -11.04 -4.43
CA GLN B 46 6.21 -10.12 -5.59
C GLN B 46 5.27 -10.63 -6.68
N GLU B 47 4.42 -9.75 -7.20
CA GLU B 47 3.73 -9.94 -8.51
C GLU B 47 3.97 -8.70 -9.38
N GLY B 48 4.81 -8.86 -10.41
CA GLY B 48 5.37 -7.78 -11.23
C GLY B 48 5.99 -6.69 -10.37
N ASP B 49 5.37 -5.50 -10.40
CA ASP B 49 5.79 -4.28 -9.67
C ASP B 49 5.14 -4.21 -8.29
N THR B 50 4.21 -5.11 -7.98
CA THR B 50 3.48 -5.12 -6.71
C THR B 50 4.24 -5.97 -5.72
N PHE B 51 4.48 -5.44 -4.51
CA PHE B 51 5.24 -6.14 -3.45
C PHE B 51 4.44 -6.14 -2.16
N TYR B 52 4.58 -7.24 -1.43
CA TYR B 52 4.31 -7.30 0.02
C TYR B 52 5.58 -7.76 0.72
N ILE B 53 6.01 -7.02 1.75
CA ILE B 53 7.25 -7.36 2.51
C ILE B 53 6.91 -7.34 4.01
N LYS B 54 6.98 -8.52 4.63
CA LYS B 54 6.80 -8.71 6.08
C LYS B 54 8.15 -9.01 6.73
N THR B 55 8.59 -8.20 7.69
CA THR B 55 9.79 -8.47 8.51
C THR B 55 9.32 -8.71 9.95
N SER B 56 9.43 -9.94 10.46
CA SER B 56 8.91 -10.27 11.81
C SER B 56 10.04 -10.67 12.78
N THR B 57 9.97 -10.10 13.97
CA THR B 57 10.74 -10.49 15.18
C THR B 57 9.71 -10.58 16.32
N THR B 58 10.08 -11.21 17.42
CA THR B 58 9.22 -11.33 18.63
C THR B 58 8.68 -9.95 18.99
N VAL B 59 9.56 -8.96 19.00
CA VAL B 59 9.31 -7.63 19.62
C VAL B 59 8.64 -6.68 18.62
N ARG B 60 8.93 -6.82 17.32
N ARG B 60 8.93 -6.81 17.32
CA ARG B 60 8.40 -5.85 16.31
CA ARG B 60 8.39 -5.85 16.32
C ARG B 60 8.29 -6.49 14.93
C ARG B 60 8.29 -6.49 14.93
N THR B 61 7.12 -6.37 14.30
CA THR B 61 6.88 -6.84 12.92
C THR B 61 6.49 -5.64 12.06
N THR B 62 7.06 -5.49 10.88
CA THR B 62 6.66 -4.45 9.89
C THR B 62 6.08 -5.19 8.67
N GLU B 63 4.97 -4.71 8.14
CA GLU B 63 4.35 -5.18 6.87
C GLU B 63 4.25 -3.97 5.97
N ILE B 64 4.82 -4.03 4.76
CA ILE B 64 4.60 -2.95 3.76
C ILE B 64 3.96 -3.54 2.50
N ASN B 65 3.08 -2.74 1.93
CA ASN B 65 2.45 -2.91 0.60
C ASN B 65 2.89 -1.73 -0.27
N PHE B 66 3.47 -2.03 -1.43
CA PHE B 66 3.78 -0.98 -2.41
C PHE B 66 3.77 -1.55 -3.83
N LYS B 67 3.60 -0.63 -4.77
CA LYS B 67 3.86 -0.84 -6.21
C LYS B 67 5.07 0.03 -6.52
N VAL B 68 6.08 -0.52 -7.20
CA VAL B 68 7.26 0.26 -7.64
C VAL B 68 6.71 1.43 -8.46
N GLY B 69 7.13 2.66 -8.13
CA GLY B 69 6.80 3.86 -8.91
C GLY B 69 5.68 4.65 -8.27
N GLU B 70 5.02 4.08 -7.24
CA GLU B 70 3.84 4.66 -6.55
C GLU B 70 4.18 4.89 -5.07
N GLU B 71 3.83 6.07 -4.54
CA GLU B 71 4.15 6.44 -3.14
C GLU B 71 3.32 5.59 -2.17
N PHE B 72 3.86 5.39 -0.98
CA PHE B 72 3.24 4.62 0.12
C PHE B 72 3.78 5.16 1.44
N GLU B 73 3.19 4.74 2.53
CA GLU B 73 3.63 5.18 3.88
C GLU B 73 4.08 3.92 4.62
N GLU B 74 5.21 4.04 5.30
CA GLU B 74 5.76 3.01 6.18
C GLU B 74 6.34 3.75 7.39
N GLN B 75 7.21 3.09 8.13
CA GLN B 75 8.00 3.73 9.20
C GLN B 75 9.47 3.63 8.77
N THR B 76 10.27 4.61 9.18
CA THR B 76 11.74 4.50 9.12
C THR B 76 12.13 3.28 9.98
N VAL B 77 13.36 2.82 9.87
CA VAL B 77 13.85 1.67 10.68
C VAL B 77 13.78 2.00 12.17
N ASP B 78 13.75 3.29 12.54
CA ASP B 78 13.64 3.73 13.96
C ASP B 78 12.17 4.01 14.35
N GLY B 79 11.19 3.64 13.51
CA GLY B 79 9.76 3.63 13.82
C GLY B 79 9.08 4.96 13.58
N ARG B 80 9.68 5.86 12.79
CA ARG B 80 9.08 7.19 12.49
C ARG B 80 8.27 7.11 11.21
N PRO B 81 6.98 7.54 11.22
CA PRO B 81 6.17 7.53 10.01
C PRO B 81 6.84 8.31 8.87
N CYS B 82 6.84 7.77 7.65
CA CYS B 82 7.45 8.39 6.45
C CYS B 82 6.63 8.08 5.21
N LYS B 83 6.74 8.97 4.22
CA LYS B 83 6.29 8.77 2.84
C LYS B 83 7.44 8.13 2.06
N SER B 84 7.18 7.04 1.35
CA SER B 84 8.22 6.27 0.62
C SER B 84 7.87 6.19 -0.87
N LEU B 85 8.88 6.14 -1.72
CA LEU B 85 8.76 5.89 -3.18
C LEU B 85 9.91 4.98 -3.60
N VAL B 86 9.52 3.82 -4.12
CA VAL B 86 10.46 2.83 -4.70
C VAL B 86 10.55 3.03 -6.21
N LYS B 87 11.76 2.87 -6.73
CA LYS B 87 12.05 2.87 -8.17
C LYS B 87 13.01 1.73 -8.47
N TRP B 88 12.87 1.14 -9.64
CA TRP B 88 13.79 0.10 -10.19
C TRP B 88 15.13 0.75 -10.56
N GLU B 89 16.25 0.06 -10.36
CA GLU B 89 17.54 0.43 -11.01
C GLU B 89 17.93 -0.67 -11.99
N SER B 90 17.50 -1.92 -11.76
CA SER B 90 17.34 -2.99 -12.77
C SER B 90 16.12 -3.83 -12.40
N GLU B 91 15.89 -4.95 -13.10
CA GLU B 91 14.83 -5.91 -12.72
C GLU B 91 15.18 -6.52 -11.35
N ASN B 92 16.44 -6.40 -10.89
CA ASN B 92 16.95 -7.09 -9.67
C ASN B 92 17.37 -6.09 -8.58
N LYS B 93 17.06 -4.81 -8.73
CA LYS B 93 17.45 -3.83 -7.70
C LYS B 93 16.43 -2.70 -7.61
N MET B 94 15.84 -2.54 -6.42
CA MET B 94 14.90 -1.42 -6.11
C MET B 94 15.52 -0.51 -5.05
N VAL B 95 15.28 0.79 -5.21
CA VAL B 95 15.81 1.84 -4.31
C VAL B 95 14.63 2.64 -3.77
N CYS B 96 14.60 2.87 -2.47
CA CYS B 96 13.47 3.57 -1.78
C CYS B 96 13.98 4.84 -1.10
N GLU B 97 13.44 6.01 -1.48
CA GLU B 97 13.65 7.31 -0.81
C GLU B 97 12.52 7.53 0.20
N GLN B 98 12.87 8.02 1.38
CA GLN B 98 11.98 8.19 2.53
C GLN B 98 12.03 9.64 2.99
N LYS B 99 10.87 10.23 3.27
CA LYS B 99 10.71 11.59 3.85
C LYS B 99 9.78 11.49 5.06
N LEU B 100 10.19 12.08 6.18
CA LEU B 100 9.44 12.01 7.45
C LEU B 100 8.11 12.72 7.28
N LEU B 101 7.06 12.17 7.87
CA LEU B 101 5.69 12.76 7.88
C LEU B 101 5.65 13.97 8.81
N LYS B 102 6.34 13.92 9.95
CA LYS B 102 6.48 15.09 10.85
C LYS B 102 7.91 15.19 11.42
N GLY B 103 8.31 16.41 11.79
CA GLY B 103 9.59 16.70 12.43
C GLY B 103 10.73 16.61 11.43
N GLU B 104 11.96 16.65 11.94
CA GLU B 104 13.22 16.57 11.13
C GLU B 104 14.08 15.42 11.65
N GLY B 105 15.08 15.01 10.88
CA GLY B 105 16.08 14.00 11.27
C GLY B 105 16.91 13.54 10.07
N PRO B 106 17.89 12.62 10.28
CA PRO B 106 18.85 12.26 9.23
C PRO B 106 18.10 11.75 7.99
N LYS B 107 18.67 11.94 6.79
CA LYS B 107 18.02 11.47 5.54
C LYS B 107 18.17 9.95 5.49
N THR B 108 17.04 9.24 5.36
CA THR B 108 17.04 7.75 5.33
C THR B 108 16.62 7.26 3.95
N SER B 109 17.07 6.06 3.63
CA SER B 109 16.79 5.36 2.37
C SER B 109 17.01 3.87 2.63
N TRP B 110 16.49 3.02 1.75
CA TRP B 110 16.85 1.59 1.72
C TRP B 110 16.90 1.11 0.28
N THR B 111 17.66 0.05 0.06
CA THR B 111 17.65 -0.67 -1.25
C THR B 111 17.56 -2.15 -0.95
N ARG B 112 16.95 -2.91 -1.86
N ARG B 112 16.96 -2.91 -1.87
CA ARG B 112 16.94 -4.39 -1.86
CA ARG B 112 16.92 -4.39 -1.85
C ARG B 112 17.38 -4.83 -3.25
C ARG B 112 17.37 -4.85 -3.25
N GLU B 113 18.34 -5.76 -3.29
CA GLU B 113 18.96 -6.22 -4.55
C GLU B 113 19.03 -7.74 -4.49
N LEU B 114 18.69 -8.40 -5.59
CA LEU B 114 18.94 -9.85 -5.74
C LEU B 114 20.30 -10.02 -6.38
N THR B 115 21.09 -10.97 -5.89
CA THR B 115 22.34 -11.38 -6.58
C THR B 115 22.03 -12.57 -7.47
N ASN B 116 22.86 -12.79 -8.48
CA ASN B 116 22.79 -13.99 -9.35
C ASN B 116 23.06 -15.25 -8.53
N ASP B 117 23.60 -15.11 -7.32
CA ASP B 117 23.92 -16.26 -6.44
C ASP B 117 22.78 -16.52 -5.43
N GLY B 118 21.61 -15.88 -5.57
CA GLY B 118 20.42 -16.19 -4.77
C GLY B 118 20.42 -15.49 -3.42
N GLU B 119 21.23 -14.45 -3.27
CA GLU B 119 21.21 -13.65 -2.03
C GLU B 119 20.27 -12.46 -2.25
N LEU B 120 19.67 -12.00 -1.19
CA LEU B 120 18.96 -10.71 -1.12
C LEU B 120 19.83 -9.79 -0.26
N ILE B 121 20.19 -8.63 -0.78
CA ILE B 121 20.98 -7.64 0.01
C ILE B 121 20.05 -6.47 0.31
N LEU B 122 19.85 -6.19 1.60
CA LEU B 122 19.20 -4.97 2.12
C LEU B 122 20.30 -3.99 2.51
N THR B 123 20.26 -2.77 1.98
CA THR B 123 21.07 -1.62 2.43
C THR B 123 20.12 -0.60 3.05
N MET B 124 20.41 -0.14 4.26
CA MET B 124 19.66 0.96 4.91
C MET B 124 20.69 2.07 5.21
N THR B 125 20.39 3.31 4.84
CA THR B 125 21.29 4.45 5.08
C THR B 125 20.58 5.45 5.98
N ALA B 126 21.35 6.10 6.85
CA ALA B 126 20.91 7.23 7.70
C ALA B 126 22.07 8.22 7.66
N ASP B 127 21.91 9.30 6.91
CA ASP B 127 23.02 10.26 6.63
C ASP B 127 24.22 9.45 6.13
N ASP B 128 25.28 9.39 6.92
CA ASP B 128 26.60 8.83 6.53
C ASP B 128 26.64 7.32 6.68
N VAL B 129 25.81 6.80 7.56
CA VAL B 129 25.86 5.40 8.04
C VAL B 129 25.20 4.48 7.01
N VAL B 130 25.83 3.35 6.76
CA VAL B 130 25.34 2.32 5.79
C VAL B 130 25.30 1.00 6.54
N CYS B 131 24.11 0.44 6.64
CA CYS B 131 23.84 -0.89 7.20
C CYS B 131 23.52 -1.83 6.06
N THR B 132 24.24 -2.95 5.98
CA THR B 132 24.11 -3.99 4.94
C THR B 132 23.70 -5.29 5.63
N ARG B 133 22.69 -5.97 5.09
CA ARG B 133 22.10 -7.21 5.62
C ARG B 133 21.90 -8.14 4.43
N VAL B 134 22.47 -9.33 4.52
CA VAL B 134 22.43 -10.34 3.44
C VAL B 134 21.58 -11.51 3.94
N TYR B 135 20.65 -11.93 3.10
CA TYR B 135 19.69 -13.03 3.35
C TYR B 135 19.83 -14.06 2.24
N VAL B 136 19.52 -15.31 2.57
CA VAL B 136 19.37 -16.44 1.62
C VAL B 136 18.00 -17.05 1.87
N ARG B 137 17.50 -17.88 0.94
CA ARG B 137 16.15 -18.47 1.02
C ARG B 137 16.17 -19.55 2.12
N GLU B 138 15.13 -19.59 2.96
CA GLU B 138 14.94 -20.61 4.04
C GLU B 138 15.10 -22.01 3.44
C4 R6B C . -12.63 6.07 -16.70
C14 R6B C . -10.95 7.46 -15.47
C5 R6B C . -12.44 5.38 -17.91
C6 R6B C . -12.92 4.06 -18.04
C11 R6B C . -10.61 4.42 -20.45
C7 R6B C . -12.14 7.49 -16.47
C8 R6B C . -11.66 8.12 -17.78
C9 R6B C . -10.90 7.14 -18.64
C10 R6B C . -11.75 5.42 -20.31
C12 R6B C . -11.72 6.48 -21.39
C13 R6B C . -13.26 8.37 -15.88
N1 R6B C . -11.75 5.99 -18.93
C3 R6B C . -13.31 5.42 -15.66
C1 R6B C . -13.58 3.45 -16.99
C2 R6B C . -13.83 4.12 -15.79
C15 R6B C . -14.50 3.46 -14.64
C16 R6B C . -14.30 3.95 -13.35
C17 R6B C . -14.85 3.33 -12.25
C18 R6B C . -15.63 2.18 -12.36
C19 R6B C . -15.82 1.68 -13.65
C20 R6B C . -15.26 2.30 -14.75
C21 R6B C . -16.20 1.58 -11.14
C22 R6B C . -16.72 0.40 -11.01
C23 R6B C . -17.18 -0.17 -9.70
O1 R6B C . -16.62 0.17 -8.60
O2 R6B C . -18.13 -0.92 -9.75
H19 R6B C . -11.26 7.19 -14.60
H20 R6B C . -10.55 8.34 -15.41
H18 R6B C . -10.28 6.83 -15.79
H3 R6B C . -12.79 3.59 -18.84
H10 R6B C . -10.30 4.41 -21.37
H11 R6B C . -10.93 3.53 -20.21
H9 R6B C . -9.89 4.67 -19.87
H5 R6B C . -12.44 8.46 -18.28
H4 R6B C . -11.08 8.90 -17.57
H6 R6B C . -10.10 6.84 -18.15
H7 R6B C . -10.62 7.57 -19.47
H8 R6B C . -12.59 4.91 -20.44
H14 R6B C . -10.81 6.76 -21.55
H12 R6B C . -12.25 7.24 -21.11
H13 R6B C . -12.09 6.11 -22.21
H15 R6B C . -14.09 8.19 -16.36
H16 R6B C . -13.02 9.31 -15.99
H17 R6B C . -13.37 8.17 -14.94
H2 R6B C . -13.45 5.88 -14.84
H1 R6B C . -13.90 2.57 -17.10
H21 R6B C . -13.77 4.71 -13.23
H22 R6B C . -14.70 3.70 -11.39
H23 R6B C . -16.35 0.90 -13.76
H24 R6B C . -15.41 1.92 -15.61
H25 R6B C . -16.19 2.13 -10.37
H26 R6B C . -16.80 -0.14 -11.77
C4 R6B D . 12.93 -1.11 17.23
C14 R6B D . 11.83 1.04 16.49
C5 R6B D . 12.47 -1.91 18.28
C6 R6B D . 12.51 -3.31 18.15
C11 R6B D . 9.99 -2.45 20.32
C7 R6B D . 12.95 0.42 17.32
C8 R6B D . 12.82 0.88 18.79
C9 R6B D . 11.74 0.11 19.52
C10 R6B D . 11.45 -2.19 20.52
C12 R6B D . 11.82 -1.65 21.89
C13 R6B D . 14.28 1.00 16.80
N1 R6B D . 11.95 -1.33 19.41
C3 R6B D . 13.40 -1.73 16.07
C1 R6B D . 12.98 -3.90 16.99
C2 R6B D . 13.46 -3.12 15.94
C15 R6B D . 13.96 -3.73 14.68
C16 R6B D . 14.11 -2.95 13.54
C17 R6B D . 14.53 -3.49 12.34
C18 R6B D . 14.86 -4.84 12.23
C19 R6B D . 14.73 -5.62 13.37
C20 R6B D . 14.30 -5.08 14.57
C21 R6B D . 15.31 -5.33 10.92
C22 R6B D . 15.08 -6.48 10.36
C23 R6B D . 15.44 -6.77 8.92
O1 R6B D . 15.11 -5.96 8.04
O2 R6B D . 16.07 -7.80 8.71
H19 R6B D . 12.08 1.93 16.19
H20 R6B D . 11.02 1.11 17.02
H18 R6B D . 11.65 0.49 15.70
H3 R6B D . 12.18 -3.87 18.84
H10 R6B D . 9.65 -2.99 21.06
H11 R6B D . 9.84 -2.92 19.48
H9 R6B D . 9.52 -1.59 20.30
H5 R6B D . 13.68 0.73 19.24
H4 R6B D . 12.61 1.83 18.81
H6 R6B D . 10.87 0.32 19.14
H7 R6B D . 11.75 0.37 20.46
H8 R6B D . 11.90 -3.08 20.46
H14 R6B D . 11.16 -0.99 22.17
H12 R6B D . 12.70 -1.23 21.86
H13 R6B D . 11.83 -2.38 22.54
H15 R6B D . 15.02 0.43 17.10
H16 R6B D . 14.41 1.90 17.13
H17 R6B D . 14.28 1.01 15.82
H2 R6B D . 13.73 -1.19 15.37
H1 R6B D . 12.99 -4.84 16.91
H21 R6B D . 13.88 -2.04 13.57
H22 R6B D . 14.62 -2.93 11.59
H23 R6B D . 14.94 -6.54 13.32
H24 R6B D . 14.21 -5.64 15.33
H25 R6B D . 15.86 -4.73 10.43
H26 R6B D . 14.66 -7.16 10.86
#